data_1E3R
#
_entry.id   1E3R
#
_cell.length_a   85.900
_cell.length_b   72.370
_cell.length_c   50.530
_cell.angle_alpha   90.00
_cell.angle_beta   90.65
_cell.angle_gamma   90.00
#
_symmetry.space_group_name_H-M   'C 1 2 1'
#
loop_
_entity.id
_entity.type
_entity.pdbx_description
1 polymer ISOMERASE
2 non-polymer 3-BETA-HYDROXY-5-ANDROSTEN-17-ONE
3 water water
#
_entity_poly.entity_id   1
_entity_poly.type   'polypeptide(L)'
_entity_poly.pdbx_seq_one_letter_code
;MNLPTAQEVQGLMARYIELVDVGDIEAIVQMYADDATVENPFGQPPIHGREQIAAFYRQGLGGGKVRACLTGPVRASHNG
CGAMPFRVEMVWNGQPCALDVIDVMRFDEHGRIQTMQAYWSEVNLSVREPQ
;
_entity_poly.pdbx_strand_id   A,B
#
loop_
_chem_comp.id
_chem_comp.type
_chem_comp.name
_chem_comp.formula
AND non-polymer 3-BETA-HYDROXY-5-ANDROSTEN-17-ONE 'C19 H28 O2'
#
# COMPACT_ATOMS: atom_id res chain seq x y z
N ASN A 2 -16.57 6.25 -16.21
CA ASN A 2 -17.13 5.25 -15.24
C ASN A 2 -16.02 4.62 -14.41
N LEU A 3 -14.87 5.28 -14.35
CA LEU A 3 -13.76 4.80 -13.54
C LEU A 3 -14.30 4.92 -12.10
N PRO A 4 -14.09 3.91 -11.24
CA PRO A 4 -14.63 4.09 -9.88
C PRO A 4 -14.15 5.41 -9.24
N THR A 5 -15.04 6.12 -8.55
CA THR A 5 -14.65 7.35 -7.88
C THR A 5 -13.90 6.94 -6.63
N ALA A 6 -13.35 7.91 -5.93
CA ALA A 6 -12.60 7.63 -4.71
C ALA A 6 -13.41 6.78 -3.76
N GLN A 7 -14.67 7.18 -3.53
CA GLN A 7 -15.57 6.45 -2.63
C GLN A 7 -15.90 5.05 -3.13
N GLU A 8 -16.10 4.91 -4.43
CA GLU A 8 -16.42 3.60 -4.99
C GLU A 8 -15.23 2.66 -4.87
N VAL A 9 -14.01 3.22 -4.89
CA VAL A 9 -12.82 2.41 -4.76
C VAL A 9 -12.80 1.78 -3.37
N GLN A 10 -13.09 2.58 -2.35
CA GLN A 10 -13.12 2.08 -0.98
C GLN A 10 -14.13 0.94 -0.85
N GLY A 11 -15.24 1.06 -1.56
CA GLY A 11 -16.27 0.04 -1.50
C GLY A 11 -15.84 -1.28 -2.12
N LEU A 12 -15.34 -1.20 -3.34
CA LEU A 12 -14.88 -2.34 -4.10
C LEU A 12 -13.72 -3.08 -3.42
N MET A 13 -12.74 -2.32 -2.91
CA MET A 13 -11.62 -2.94 -2.24
C MET A 13 -12.11 -3.60 -0.96
N ALA A 14 -12.90 -2.87 -0.16
CA ALA A 14 -13.44 -3.46 1.06
C ALA A 14 -14.28 -4.73 0.75
N ARG A 15 -15.10 -4.68 -0.30
CA ARG A 15 -15.93 -5.83 -0.67
C ARG A 15 -15.06 -7.02 -1.05
N TYR A 16 -13.96 -6.73 -1.72
CA TYR A 16 -13.04 -7.77 -2.16
C TYR A 16 -12.58 -8.60 -0.96
N ILE A 17 -12.23 -7.92 0.15
CA ILE A 17 -11.79 -8.60 1.37
C ILE A 17 -12.95 -9.43 1.97
N GLU A 18 -14.16 -8.88 1.89
CA GLU A 18 -15.36 -9.54 2.39
C GLU A 18 -15.54 -10.89 1.71
N LEU A 19 -15.21 -10.95 0.43
CA LEU A 19 -15.34 -12.19 -0.34
C LEU A 19 -14.24 -13.18 -0.02
N VAL A 20 -13.06 -12.67 0.30
CA VAL A 20 -11.94 -13.54 0.64
C VAL A 20 -12.17 -14.17 2.00
N ASP A 21 -12.70 -13.41 2.95
CA ASP A 21 -12.99 -13.87 4.29
C ASP A 21 -13.96 -15.05 4.26
N VAL A 22 -14.96 -14.98 3.39
CA VAL A 22 -15.94 -16.06 3.27
C VAL A 22 -15.63 -17.09 2.18
N GLY A 23 -14.56 -16.88 1.43
CA GLY A 23 -14.16 -17.82 0.40
C GLY A 23 -15.03 -17.95 -0.84
N ASP A 24 -15.60 -16.85 -1.33
CA ASP A 24 -16.43 -16.87 -2.53
C ASP A 24 -15.48 -16.70 -3.71
N ILE A 25 -14.92 -17.82 -4.17
CA ILE A 25 -13.97 -17.83 -5.30
C ILE A 25 -14.58 -17.24 -6.57
N GLU A 26 -15.82 -17.61 -6.86
CA GLU A 26 -16.50 -17.12 -8.06
C GLU A 26 -16.60 -15.61 -8.03
N ALA A 27 -17.19 -15.07 -6.97
CA ALA A 27 -17.37 -13.63 -6.81
C ALA A 27 -16.05 -12.86 -6.83
N ILE A 28 -14.99 -13.44 -6.28
CA ILE A 28 -13.69 -12.77 -6.30
C ILE A 28 -13.21 -12.66 -7.74
N VAL A 29 -13.07 -13.80 -8.40
CA VAL A 29 -12.61 -13.83 -9.80
C VAL A 29 -13.38 -12.82 -10.65
N GLN A 30 -14.69 -12.78 -10.47
CA GLN A 30 -15.57 -11.86 -11.19
C GLN A 30 -15.24 -10.38 -10.96
N MET A 31 -14.51 -10.09 -9.88
CA MET A 31 -14.16 -8.72 -9.52
C MET A 31 -13.01 -8.23 -10.38
N TYR A 32 -12.30 -9.18 -10.97
CA TYR A 32 -11.15 -8.91 -11.81
C TYR A 32 -11.52 -8.69 -13.26
N ALA A 33 -10.63 -8.03 -14.00
CA ALA A 33 -10.84 -7.81 -15.42
C ALA A 33 -10.45 -9.17 -15.99
N ASP A 34 -11.02 -9.53 -17.15
CA ASP A 34 -10.73 -10.81 -17.79
C ASP A 34 -9.22 -11.00 -18.06
N ASP A 35 -8.54 -9.90 -18.39
CA ASP A 35 -7.11 -9.89 -18.66
C ASP A 35 -6.31 -9.26 -17.52
N ALA A 36 -6.84 -9.32 -16.30
CA ALA A 36 -6.21 -8.73 -15.11
C ALA A 36 -4.96 -9.50 -14.70
N THR A 37 -3.96 -8.78 -14.19
CA THR A 37 -2.74 -9.43 -13.72
C THR A 37 -2.68 -9.23 -12.22
N VAL A 38 -2.00 -10.14 -11.55
CA VAL A 38 -1.86 -10.06 -10.12
C VAL A 38 -0.42 -10.37 -9.80
N GLU A 39 0.14 -9.61 -8.87
CA GLU A 39 1.50 -9.86 -8.41
C GLU A 39 1.34 -10.13 -6.91
N ASN A 40 1.48 -11.39 -6.53
CA ASN A 40 1.31 -11.82 -5.15
C ASN A 40 2.21 -13.02 -4.84
N PRO A 41 3.28 -12.82 -4.04
CA PRO A 41 3.61 -11.52 -3.43
C PRO A 41 4.27 -10.60 -4.44
N PHE A 42 4.10 -9.29 -4.26
CA PHE A 42 4.71 -8.36 -5.17
C PHE A 42 6.21 -8.67 -5.20
N GLY A 43 6.78 -8.75 -6.39
CA GLY A 43 8.18 -9.09 -6.56
C GLY A 43 8.20 -10.37 -7.39
N GLN A 44 7.09 -11.10 -7.32
CA GLN A 44 6.95 -12.34 -8.07
C GLN A 44 6.49 -11.96 -9.48
N PRO A 45 6.58 -12.91 -10.44
CA PRO A 45 6.14 -12.61 -11.81
C PRO A 45 4.63 -12.54 -11.89
N PRO A 46 4.10 -11.56 -12.63
CA PRO A 46 2.64 -11.39 -12.76
C PRO A 46 1.91 -12.61 -13.29
N ILE A 47 0.81 -12.95 -12.64
CA ILE A 47 -0.05 -14.05 -13.05
C ILE A 47 -1.21 -13.35 -13.77
N HIS A 48 -1.38 -13.70 -15.04
CA HIS A 48 -2.36 -13.09 -15.94
C HIS A 48 -3.60 -13.93 -16.26
N GLY A 49 -4.78 -13.30 -16.26
CA GLY A 49 -6.00 -14.01 -16.62
C GLY A 49 -6.85 -14.63 -15.52
N ARG A 50 -8.16 -14.39 -15.61
CA ARG A 50 -9.11 -14.91 -14.63
C ARG A 50 -8.93 -16.38 -14.30
N GLU A 51 -8.57 -17.20 -15.28
CA GLU A 51 -8.38 -18.62 -15.02
C GLU A 51 -7.20 -18.82 -14.08
N GLN A 52 -6.08 -18.19 -14.41
CA GLN A 52 -4.88 -18.31 -13.58
C GLN A 52 -5.08 -17.67 -12.22
N ILE A 53 -5.81 -16.56 -12.18
CA ILE A 53 -6.11 -15.87 -10.93
C ILE A 53 -7.11 -16.72 -10.14
N ALA A 54 -7.99 -17.41 -10.86
CA ALA A 54 -9.00 -18.27 -10.24
C ALA A 54 -8.34 -19.42 -9.49
N ALA A 55 -7.42 -20.12 -10.17
CA ALA A 55 -6.71 -21.24 -9.56
C ALA A 55 -6.05 -20.73 -8.28
N PHE A 56 -5.39 -19.59 -8.41
CA PHE A 56 -4.72 -18.93 -7.31
C PHE A 56 -5.58 -18.97 -6.06
N TYR A 57 -6.80 -18.44 -6.14
CA TYR A 57 -7.67 -18.41 -4.97
C TYR A 57 -8.17 -19.78 -4.54
N ARG A 58 -8.41 -20.66 -5.49
CA ARG A 58 -8.88 -22.00 -5.16
C ARG A 58 -7.88 -22.71 -4.23
N GLN A 59 -6.61 -22.63 -4.59
CA GLN A 59 -5.56 -23.27 -3.83
C GLN A 59 -5.26 -22.59 -2.48
N GLY A 60 -5.21 -21.26 -2.47
CA GLY A 60 -4.91 -20.56 -1.23
C GLY A 60 -6.04 -20.45 -0.24
N LEU A 61 -7.28 -20.49 -0.72
CA LEU A 61 -8.44 -20.39 0.16
C LEU A 61 -9.16 -21.72 0.30
N GLY A 62 -8.77 -22.65 -0.58
CA GLY A 62 -9.36 -23.98 -0.65
C GLY A 62 -9.60 -24.69 0.65
N GLY A 63 -8.64 -24.60 1.57
CA GLY A 63 -8.80 -25.26 2.86
C GLY A 63 -10.05 -24.79 3.59
N GLY A 64 -10.53 -23.61 3.22
CA GLY A 64 -11.73 -23.06 3.83
C GLY A 64 -11.51 -22.32 5.13
N LYS A 65 -10.38 -22.56 5.79
CA LYS A 65 -10.14 -21.90 7.06
C LYS A 65 -9.17 -20.74 6.98
N VAL A 66 -9.46 -19.78 6.10
CA VAL A 66 -8.65 -18.58 5.93
C VAL A 66 -9.59 -17.40 6.20
N ARG A 67 -9.17 -16.49 7.06
CA ARG A 67 -9.98 -15.30 7.36
C ARG A 67 -9.19 -14.08 6.90
N ALA A 68 -9.91 -13.01 6.60
CA ALA A 68 -9.26 -11.79 6.16
C ALA A 68 -10.11 -10.61 6.63
N CYS A 69 -9.45 -9.55 7.11
CA CYS A 69 -10.18 -8.38 7.57
C CYS A 69 -9.41 -7.07 7.46
N LEU A 70 -10.11 -6.03 7.00
CA LEU A 70 -9.51 -4.72 6.90
C LEU A 70 -9.01 -4.31 8.28
N THR A 71 -7.74 -3.92 8.39
CA THR A 71 -7.18 -3.49 9.66
C THR A 71 -7.16 -1.96 9.67
N GLY A 72 -7.62 -1.36 8.57
CA GLY A 72 -7.64 0.09 8.47
C GLY A 72 -8.45 0.59 7.29
N PRO A 73 -8.72 1.90 7.20
CA PRO A 73 -9.50 2.40 6.06
C PRO A 73 -8.84 2.11 4.72
N VAL A 74 -9.63 2.23 3.66
CA VAL A 74 -9.12 2.02 2.32
C VAL A 74 -8.72 3.41 1.85
N ARG A 75 -7.45 3.56 1.48
CA ARG A 75 -6.95 4.83 0.99
C ARG A 75 -7.21 4.79 -0.51
N ALA A 76 -7.92 5.80 -1.01
CA ALA A 76 -8.25 5.83 -2.44
C ALA A 76 -7.69 7.05 -3.17
N SER A 77 -7.51 6.90 -4.47
CA SER A 77 -7.01 8.00 -5.29
C SER A 77 -8.18 8.51 -6.12
N HIS A 78 -7.89 9.49 -6.96
CA HIS A 78 -8.91 10.08 -7.82
C HIS A 78 -8.75 9.52 -9.22
N ASN A 79 -7.83 8.57 -9.38
CA ASN A 79 -7.64 7.97 -10.71
C ASN A 79 -7.95 6.47 -10.73
N GLY A 80 -9.02 6.08 -10.03
CA GLY A 80 -9.44 4.69 -10.00
C GLY A 80 -8.51 3.71 -9.30
N CYS A 81 -7.66 4.21 -8.40
CA CYS A 81 -6.71 3.37 -7.67
C CYS A 81 -6.90 3.47 -6.18
N GLY A 82 -6.39 2.48 -5.46
CA GLY A 82 -6.50 2.48 -4.00
C GLY A 82 -5.53 1.50 -3.37
N ALA A 83 -5.35 1.62 -2.06
CA ALA A 83 -4.46 0.71 -1.34
C ALA A 83 -5.08 0.41 0.02
N MET A 84 -4.96 -0.81 0.51
CA MET A 84 -5.58 -1.15 1.78
C MET A 84 -4.79 -2.03 2.74
N PRO A 85 -4.95 -1.79 4.05
CA PRO A 85 -4.24 -2.59 5.03
C PRO A 85 -5.19 -3.66 5.56
N PHE A 86 -4.70 -4.89 5.64
CA PHE A 86 -5.52 -5.97 6.16
C PHE A 86 -4.63 -7.10 6.68
N ARG A 87 -5.23 -7.94 7.51
CA ARG A 87 -4.56 -9.08 8.10
C ARG A 87 -5.25 -10.37 7.64
N VAL A 88 -4.47 -11.43 7.49
CA VAL A 88 -4.99 -12.72 7.05
C VAL A 88 -4.59 -13.75 8.10
N GLU A 89 -5.55 -14.57 8.51
CA GLU A 89 -5.30 -15.62 9.48
C GLU A 89 -5.53 -16.98 8.82
N MET A 90 -4.50 -17.82 8.89
CA MET A 90 -4.54 -19.16 8.34
C MET A 90 -3.76 -20.05 9.30
N VAL A 91 -3.28 -21.19 8.80
CA VAL A 91 -2.50 -22.10 9.62
C VAL A 91 -1.10 -22.22 9.02
N TRP A 92 -0.09 -22.35 9.87
CA TRP A 92 1.28 -22.47 9.41
C TRP A 92 2.03 -23.44 10.29
N ASN A 93 2.46 -24.55 9.70
CA ASN A 93 3.20 -25.59 10.41
C ASN A 93 2.33 -26.30 11.44
N GLY A 94 1.03 -26.06 11.39
CA GLY A 94 0.14 -26.70 12.33
C GLY A 94 -0.48 -25.77 13.34
N GLN A 95 0.23 -24.70 13.67
CA GLN A 95 -0.26 -23.72 14.63
C GLN A 95 -0.85 -22.53 13.86
N PRO A 96 -1.87 -21.87 14.41
CA PRO A 96 -2.52 -20.72 13.79
C PRO A 96 -1.66 -19.47 13.84
N CYS A 97 -1.35 -18.94 12.66
CA CYS A 97 -0.53 -17.75 12.52
C CYS A 97 -1.34 -16.57 11.97
N ALA A 98 -0.65 -15.46 11.71
CA ALA A 98 -1.26 -14.24 11.18
C ALA A 98 -0.34 -13.56 10.15
N LEU A 99 -0.95 -12.99 9.10
CA LEU A 99 -0.22 -12.30 8.02
C LEU A 99 -0.72 -10.89 7.78
N ASP A 100 0.21 -9.94 7.79
CA ASP A 100 -0.13 -8.55 7.54
C ASP A 100 0.14 -8.30 6.06
N VAL A 101 -0.87 -7.81 5.34
CA VAL A 101 -0.72 -7.56 3.90
C VAL A 101 -1.28 -6.21 3.44
N ILE A 102 -0.76 -5.69 2.35
CA ILE A 102 -1.29 -4.45 1.79
C ILE A 102 -1.48 -4.66 0.27
N ASP A 103 -2.71 -4.42 -0.20
CA ASP A 103 -3.03 -4.59 -1.61
C ASP A 103 -3.21 -3.26 -2.35
N VAL A 104 -2.49 -3.11 -3.45
CA VAL A 104 -2.63 -1.91 -4.27
C VAL A 104 -3.45 -2.38 -5.47
N MET A 105 -4.51 -1.63 -5.78
CA MET A 105 -5.40 -2.00 -6.87
C MET A 105 -5.75 -0.85 -7.79
N ARG A 106 -5.76 -1.14 -9.08
CA ARG A 106 -6.16 -0.18 -10.09
C ARG A 106 -7.37 -0.78 -10.83
N PHE A 107 -8.46 -0.03 -10.88
CA PHE A 107 -9.68 -0.48 -11.54
C PHE A 107 -9.81 0.07 -12.96
N ASP A 108 -10.35 -0.75 -13.86
CA ASP A 108 -10.53 -0.30 -15.23
C ASP A 108 -11.81 0.51 -15.24
N GLU A 109 -12.10 1.14 -16.38
CA GLU A 109 -13.30 1.97 -16.50
C GLU A 109 -14.63 1.25 -16.34
N HIS A 110 -14.60 0.03 -15.79
CA HIS A 110 -15.81 -0.76 -15.59
C HIS A 110 -15.88 -1.24 -14.14
N GLY A 111 -15.14 -0.57 -13.27
CA GLY A 111 -15.14 -0.98 -11.88
C GLY A 111 -14.55 -2.34 -11.63
N ARG A 112 -13.76 -2.85 -12.57
CA ARG A 112 -13.13 -4.17 -12.39
C ARG A 112 -11.65 -4.00 -12.13
N ILE A 113 -11.11 -4.84 -11.25
CA ILE A 113 -9.69 -4.80 -10.89
C ILE A 113 -8.78 -5.13 -12.10
N GLN A 114 -8.12 -4.10 -12.62
CA GLN A 114 -7.23 -4.27 -13.76
C GLN A 114 -5.91 -4.87 -13.25
N THR A 115 -5.45 -4.36 -12.11
CA THR A 115 -4.20 -4.81 -11.55
C THR A 115 -4.31 -4.95 -10.03
N MET A 116 -3.59 -5.91 -9.47
CA MET A 116 -3.58 -6.08 -8.03
C MET A 116 -2.18 -6.42 -7.62
N GLN A 117 -1.72 -5.80 -6.53
CA GLN A 117 -0.38 -6.07 -6.02
C GLN A 117 -0.45 -6.16 -4.51
N ALA A 118 0.03 -7.30 -3.99
CA ALA A 118 0.03 -7.58 -2.56
C ALA A 118 1.44 -7.59 -1.97
N TYR A 119 1.71 -6.62 -1.11
CA TYR A 119 3.01 -6.54 -0.44
C TYR A 119 2.97 -7.28 0.90
N TRP A 120 3.99 -8.12 1.12
CA TRP A 120 4.13 -8.90 2.33
C TRP A 120 5.27 -9.88 2.06
N SER A 121 5.89 -10.38 3.14
CA SER A 121 6.99 -11.35 3.06
C SER A 121 6.95 -12.13 4.36
N GLU A 122 8.03 -12.83 4.72
CA GLU A 122 8.05 -13.59 5.98
C GLU A 122 7.98 -12.67 7.18
N VAL A 123 8.62 -11.50 7.08
CA VAL A 123 8.64 -10.54 8.17
C VAL A 123 7.23 -10.14 8.56
N ASN A 124 6.25 -10.51 7.76
CA ASN A 124 4.87 -10.17 8.06
C ASN A 124 4.04 -11.34 8.57
N LEU A 125 4.74 -12.42 8.92
CA LEU A 125 4.10 -13.62 9.43
C LEU A 125 4.34 -13.73 10.94
N SER A 126 3.28 -13.93 11.71
CA SER A 126 3.40 -14.06 13.17
C SER A 126 2.61 -15.24 13.72
N VAL A 127 3.06 -15.75 14.86
CA VAL A 127 2.35 -16.85 15.51
C VAL A 127 1.67 -16.31 16.76
N MET B 1 26.91 -3.73 -0.66
CA MET B 1 25.44 -3.49 -0.55
C MET B 1 24.71 -3.70 -1.87
N ASN B 2 23.40 -4.00 -1.76
CA ASN B 2 22.52 -4.20 -2.91
C ASN B 2 21.17 -3.61 -2.51
N LEU B 3 20.10 -4.24 -2.98
CA LEU B 3 18.78 -3.76 -2.64
C LEU B 3 18.57 -3.99 -1.14
N PRO B 4 18.03 -2.99 -0.45
CA PRO B 4 17.81 -3.20 0.99
C PRO B 4 17.00 -4.48 1.11
N THR B 5 17.27 -5.28 2.13
CA THR B 5 16.53 -6.51 2.33
C THR B 5 15.14 -6.18 2.91
N ALA B 6 14.29 -7.21 3.01
CA ALA B 6 12.95 -7.01 3.56
C ALA B 6 13.02 -6.29 4.92
N GLN B 7 13.84 -6.81 5.84
CA GLN B 7 14.00 -6.21 7.16
C GLN B 7 14.65 -4.83 7.09
N GLU B 8 15.46 -4.59 6.07
CA GLU B 8 16.08 -3.27 5.95
C GLU B 8 15.02 -2.28 5.49
N VAL B 9 14.10 -2.73 4.64
CA VAL B 9 13.02 -1.89 4.14
C VAL B 9 12.05 -1.48 5.26
N GLN B 10 11.69 -2.44 6.11
CA GLN B 10 10.80 -2.15 7.23
C GLN B 10 11.44 -1.06 8.10
N GLY B 11 12.75 -1.18 8.32
CA GLY B 11 13.45 -0.20 9.13
C GLY B 11 13.50 1.17 8.48
N LEU B 12 13.94 1.22 7.22
CA LEU B 12 14.05 2.48 6.49
C LEU B 12 12.72 3.22 6.37
N MET B 13 11.63 2.50 6.10
CA MET B 13 10.32 3.13 5.96
C MET B 13 9.82 3.67 7.31
N ALA B 14 10.15 2.98 8.39
CA ALA B 14 9.76 3.44 9.73
C ALA B 14 10.58 4.69 10.06
N ARG B 15 11.87 4.66 9.71
CA ARG B 15 12.76 5.80 9.95
C ARG B 15 12.22 7.06 9.27
N TYR B 16 11.76 6.88 8.03
CA TYR B 16 11.19 7.95 7.21
C TYR B 16 9.98 8.64 7.89
N ILE B 17 9.13 7.85 8.54
CA ILE B 17 7.95 8.38 9.21
C ILE B 17 8.40 9.17 10.46
N GLU B 18 9.43 8.70 11.16
CA GLU B 18 9.91 9.41 12.34
C GLU B 18 10.52 10.76 11.94
N LEU B 19 11.14 10.83 10.77
CA LEU B 19 11.73 12.08 10.30
C LEU B 19 10.61 13.04 9.93
N VAL B 20 9.51 12.47 9.43
CA VAL B 20 8.35 13.25 9.03
C VAL B 20 7.65 13.69 10.29
N ASP B 21 7.64 12.81 11.29
CA ASP B 21 6.99 13.10 12.56
C ASP B 21 7.68 14.28 13.27
N VAL B 22 9.01 14.28 13.29
CA VAL B 22 9.74 15.36 13.92
C VAL B 22 9.85 16.55 12.98
N GLY B 23 9.74 16.29 11.69
CA GLY B 23 9.80 17.34 10.70
C GLY B 23 11.21 17.74 10.30
N ASP B 24 12.14 16.80 10.32
CA ASP B 24 13.52 17.10 9.94
C ASP B 24 13.61 17.10 8.41
N ILE B 25 13.10 18.18 7.82
CA ILE B 25 13.06 18.33 6.38
C ILE B 25 14.32 17.83 5.70
N GLU B 26 15.46 18.32 6.17
CA GLU B 26 16.76 17.95 5.61
C GLU B 26 17.12 16.47 5.71
N ALA B 27 16.73 15.80 6.78
CA ALA B 27 17.04 14.39 6.90
C ALA B 27 16.16 13.59 5.94
N ILE B 28 14.93 14.04 5.72
CA ILE B 28 14.05 13.34 4.81
C ILE B 28 14.69 13.34 3.42
N VAL B 29 15.02 14.54 2.93
CA VAL B 29 15.63 14.69 1.62
C VAL B 29 16.88 13.83 1.45
N GLN B 30 17.58 13.55 2.53
CA GLN B 30 18.78 12.74 2.44
C GLN B 30 18.40 11.28 2.24
N MET B 31 17.14 10.96 2.51
CA MET B 31 16.67 9.60 2.35
C MET B 31 16.40 9.27 0.89
N TYR B 32 16.05 10.29 0.11
CA TYR B 32 15.73 10.13 -1.31
C TYR B 32 16.95 10.11 -2.22
N ALA B 33 16.82 9.39 -3.33
CA ALA B 33 17.87 9.29 -4.31
C ALA B 33 17.91 10.61 -5.09
N ASP B 34 19.05 10.88 -5.75
CA ASP B 34 19.22 12.09 -6.56
C ASP B 34 18.07 12.23 -7.55
N ASP B 35 17.74 11.11 -8.19
CA ASP B 35 16.72 11.06 -9.20
C ASP B 35 15.44 10.41 -8.69
N ALA B 36 15.13 10.61 -7.42
CA ALA B 36 13.92 10.03 -6.87
C ALA B 36 12.72 10.73 -7.48
N THR B 37 11.65 9.99 -7.71
CA THR B 37 10.43 10.58 -8.28
C THR B 37 9.30 10.26 -7.29
N VAL B 38 8.56 11.30 -6.89
CA VAL B 38 7.49 11.20 -5.90
C VAL B 38 6.11 11.58 -6.45
N GLU B 39 5.12 10.72 -6.20
CA GLU B 39 3.76 10.96 -6.66
C GLU B 39 2.95 11.00 -5.39
N ASN B 40 2.45 12.19 -5.09
CA ASN B 40 1.71 12.41 -3.86
C ASN B 40 0.80 13.63 -3.94
N PRO B 41 -0.53 13.41 -3.94
CA PRO B 41 -1.12 12.07 -3.89
C PRO B 41 -0.96 11.34 -5.22
N PHE B 42 -1.16 10.03 -5.20
CA PHE B 42 -1.05 9.24 -6.41
C PHE B 42 -2.11 9.64 -7.43
N GLY B 43 -1.68 9.82 -8.68
CA GLY B 43 -2.61 10.23 -9.72
C GLY B 43 -2.37 11.70 -10.03
N GLN B 44 -1.31 12.22 -9.42
CA GLN B 44 -0.91 13.61 -9.56
C GLN B 44 0.45 13.59 -10.23
N PRO B 45 0.83 14.69 -10.89
CA PRO B 45 2.15 14.77 -11.55
C PRO B 45 3.30 14.46 -10.58
N PRO B 46 4.32 13.75 -11.06
CA PRO B 46 5.46 13.41 -10.20
C PRO B 46 6.32 14.60 -9.77
N ILE B 47 6.95 14.47 -8.61
CA ILE B 47 7.88 15.48 -8.08
C ILE B 47 9.21 14.81 -8.42
N HIS B 48 10.14 15.55 -9.01
CA HIS B 48 11.41 14.98 -9.41
C HIS B 48 12.68 15.63 -8.87
N GLY B 49 13.57 14.79 -8.33
CA GLY B 49 14.83 15.27 -7.79
C GLY B 49 14.81 15.78 -6.35
N ARG B 50 16.01 16.01 -5.82
CA ARG B 50 16.21 16.52 -4.47
C ARG B 50 15.58 17.88 -4.22
N GLU B 51 16.01 18.87 -5.00
CA GLU B 51 15.53 20.24 -4.86
C GLU B 51 14.00 20.38 -4.83
N GLN B 52 13.33 19.62 -5.67
CA GLN B 52 11.89 19.71 -5.72
C GLN B 52 11.30 18.99 -4.52
N ILE B 53 11.81 17.79 -4.26
CA ILE B 53 11.32 17.01 -3.15
C ILE B 53 11.42 17.83 -1.85
N ALA B 54 12.58 18.45 -1.64
CA ALA B 54 12.84 19.31 -0.48
C ALA B 54 11.84 20.48 -0.47
N ALA B 55 11.61 21.06 -1.64
CA ALA B 55 10.67 22.17 -1.74
C ALA B 55 9.29 21.69 -1.30
N PHE B 56 8.96 20.47 -1.70
CA PHE B 56 7.69 19.81 -1.38
C PHE B 56 7.46 19.61 0.13
N TYR B 57 8.47 19.09 0.80
CA TYR B 57 8.38 18.81 2.23
C TYR B 57 8.43 20.07 3.07
N ARG B 58 9.25 21.04 2.67
CA ARG B 58 9.33 22.28 3.44
C ARG B 58 7.95 22.92 3.46
N GLN B 59 7.29 22.89 2.30
CA GLN B 59 5.96 23.45 2.15
C GLN B 59 4.91 22.73 2.99
N GLY B 60 4.86 21.41 2.88
CA GLY B 60 3.86 20.66 3.61
C GLY B 60 4.21 20.36 5.06
N LEU B 61 5.50 20.28 5.37
CA LEU B 61 5.95 19.96 6.71
C LEU B 61 6.33 21.20 7.53
N GLY B 62 6.89 22.19 6.88
CA GLY B 62 7.29 23.41 7.58
C GLY B 62 6.16 24.44 7.61
N LYS B 65 2.60 22.69 11.88
CA LYS B 65 2.28 21.65 12.91
C LYS B 65 1.75 20.37 12.24
N VAL B 66 2.66 19.42 12.01
CA VAL B 66 2.31 18.16 11.36
C VAL B 66 2.88 16.96 12.08
N ARG B 67 2.07 15.92 12.23
CA ARG B 67 2.53 14.69 12.87
C ARG B 67 2.24 13.46 12.00
N ALA B 68 3.10 12.44 12.12
CA ALA B 68 2.95 11.22 11.36
C ALA B 68 3.36 10.01 12.19
N CYS B 69 2.54 8.96 12.14
CA CYS B 69 2.86 7.73 12.85
C CYS B 69 2.27 6.53 12.12
N LEU B 70 2.97 5.40 12.20
CA LEU B 70 2.52 4.18 11.57
C LEU B 70 1.29 3.67 12.31
N THR B 71 0.31 3.17 11.56
CA THR B 71 -0.91 2.67 12.17
C THR B 71 -0.96 1.15 12.13
N GLY B 72 0.11 0.58 11.58
CA GLY B 72 0.25 -0.86 11.47
C GLY B 72 1.64 -1.11 10.92
N PRO B 73 2.11 -2.36 10.92
CA PRO B 73 3.45 -2.69 10.40
C PRO B 73 3.71 -2.41 8.92
N VAL B 74 4.97 -2.16 8.60
CA VAL B 74 5.41 -1.93 7.25
C VAL B 74 5.42 -3.29 6.57
N ARG B 75 4.93 -3.35 5.34
CA ARG B 75 4.90 -4.59 4.58
C ARG B 75 6.05 -4.57 3.58
N ALA B 76 6.98 -5.51 3.69
CA ALA B 76 8.11 -5.53 2.78
C ALA B 76 8.27 -6.79 1.89
N SER B 77 8.58 -6.56 0.62
CA SER B 77 8.81 -7.62 -0.35
C SER B 77 10.33 -7.76 -0.48
N HIS B 78 10.79 -8.58 -1.43
CA HIS B 78 12.23 -8.79 -1.59
C HIS B 78 12.87 -8.18 -2.83
N ASN B 79 12.41 -7.00 -3.23
CA ASN B 79 13.00 -6.33 -4.38
C ASN B 79 13.18 -4.88 -4.03
N GLY B 80 13.54 -4.66 -2.75
CA GLY B 80 13.75 -3.33 -2.22
C GLY B 80 12.48 -2.49 -2.13
N CYS B 81 11.32 -3.15 -2.05
CA CYS B 81 10.06 -2.44 -1.98
C CYS B 81 9.30 -2.70 -0.69
N GLY B 82 8.38 -1.79 -0.37
CA GLY B 82 7.57 -1.93 0.82
C GLY B 82 6.34 -1.04 0.76
N ALA B 83 5.42 -1.24 1.69
CA ALA B 83 4.21 -0.44 1.75
C ALA B 83 3.89 -0.26 3.23
N MET B 84 3.34 0.89 3.60
CA MET B 84 3.04 1.12 5.01
C MET B 84 1.83 2.01 5.25
N PRO B 85 1.03 1.68 6.28
CA PRO B 85 -0.16 2.43 6.63
C PRO B 85 0.14 3.41 7.78
N PHE B 86 -0.10 4.69 7.58
CA PHE B 86 0.15 5.67 8.62
C PHE B 86 -0.93 6.73 8.63
N ARG B 87 -0.83 7.67 9.57
CA ARG B 87 -1.79 8.74 9.67
C ARG B 87 -1.06 10.06 9.90
N VAL B 88 -1.46 11.08 9.16
CA VAL B 88 -0.86 12.40 9.31
C VAL B 88 -1.84 13.27 10.09
N GLU B 89 -1.31 14.08 11.00
CA GLU B 89 -2.14 14.95 11.81
C GLU B 89 -1.75 16.36 11.49
N MET B 90 -2.75 17.21 11.28
CA MET B 90 -2.46 18.58 10.88
C MET B 90 -3.61 19.53 11.21
N VAL B 91 -3.37 20.81 10.97
CA VAL B 91 -4.36 21.84 11.17
C VAL B 91 -4.60 22.46 9.79
N TRP B 92 -5.81 22.31 9.28
CA TRP B 92 -6.17 22.84 7.97
C TRP B 92 -7.12 24.01 8.23
N ASN B 93 -6.56 25.22 8.15
CA ASN B 93 -7.31 26.45 8.38
C ASN B 93 -7.94 26.48 9.76
N GLY B 94 -7.15 26.07 10.75
CA GLY B 94 -7.63 26.06 12.11
C GLY B 94 -8.39 24.84 12.51
N GLN B 95 -8.74 23.99 11.55
CA GLN B 95 -9.49 22.77 11.86
C GLN B 95 -8.55 21.58 12.09
N PRO B 96 -8.43 21.11 13.35
CA PRO B 96 -7.57 19.96 13.64
C PRO B 96 -8.00 18.80 12.77
N CYS B 97 -7.12 18.34 11.89
CA CYS B 97 -7.50 17.26 11.00
C CYS B 97 -6.61 16.04 11.03
N ALA B 98 -7.12 14.96 10.45
CA ALA B 98 -6.40 13.70 10.38
C ALA B 98 -6.50 13.19 8.94
N LEU B 99 -5.54 12.37 8.53
CA LEU B 99 -5.51 11.84 7.16
C LEU B 99 -4.85 10.49 7.13
N ASP B 100 -5.59 9.47 6.69
CA ASP B 100 -5.05 8.13 6.56
C ASP B 100 -4.39 7.99 5.19
N VAL B 101 -3.17 7.48 5.20
CA VAL B 101 -2.39 7.34 3.99
C VAL B 101 -1.60 6.03 3.95
N ILE B 102 -1.34 5.55 2.73
CA ILE B 102 -0.50 4.37 2.55
C ILE B 102 0.60 4.78 1.55
N ASP B 103 1.85 4.62 1.97
CA ASP B 103 3.00 4.94 1.14
C ASP B 103 3.64 3.69 0.53
N VAL B 104 3.88 3.71 -0.77
CA VAL B 104 4.54 2.59 -1.40
C VAL B 104 5.92 3.15 -1.77
N MET B 105 6.99 2.40 -1.48
CA MET B 105 8.34 2.87 -1.77
C MET B 105 9.24 1.80 -2.38
N ARG B 106 10.16 2.25 -3.22
CA ARG B 106 11.12 1.39 -3.89
C ARG B 106 12.49 2.00 -3.59
N PHE B 107 13.37 1.21 -3.00
CA PHE B 107 14.70 1.68 -2.66
C PHE B 107 15.70 1.21 -3.72
N ASP B 108 16.71 2.02 -3.99
CA ASP B 108 17.73 1.66 -4.98
C ASP B 108 18.86 0.83 -4.36
N GLU B 109 19.83 0.46 -5.18
CA GLU B 109 20.95 -0.34 -4.73
C GLU B 109 21.73 0.30 -3.59
N HIS B 110 21.34 1.50 -3.19
CA HIS B 110 22.06 2.22 -2.14
C HIS B 110 21.27 2.55 -0.90
N GLY B 111 20.06 2.01 -0.79
CA GLY B 111 19.26 2.26 0.38
C GLY B 111 18.52 3.58 0.40
N ARG B 112 18.44 4.23 -0.77
CA ARG B 112 17.74 5.52 -0.89
C ARG B 112 16.39 5.25 -1.52
N ILE B 113 15.46 6.18 -1.36
CA ILE B 113 14.13 6.02 -1.93
C ILE B 113 14.15 6.53 -3.37
N GLN B 114 14.03 5.60 -4.31
CA GLN B 114 14.03 5.95 -5.72
C GLN B 114 12.62 6.35 -6.14
N THR B 115 11.65 5.74 -5.49
CA THR B 115 10.25 5.97 -5.83
C THR B 115 9.34 5.93 -4.61
N MET B 116 8.30 6.76 -4.65
CA MET B 116 7.32 6.82 -3.60
C MET B 116 5.96 7.20 -4.15
N GLN B 117 4.92 6.50 -3.73
CA GLN B 117 3.58 6.85 -4.17
C GLN B 117 2.73 6.96 -2.92
N ALA B 118 2.07 8.09 -2.75
CA ALA B 118 1.24 8.34 -1.57
C ALA B 118 -0.22 8.13 -1.93
N TYR B 119 -0.82 7.06 -1.43
CA TYR B 119 -2.21 6.76 -1.73
C TYR B 119 -3.14 7.42 -0.74
N TRP B 120 -3.94 8.37 -1.21
CA TRP B 120 -4.91 9.08 -0.37
C TRP B 120 -5.71 10.11 -1.15
N SER B 121 -6.84 10.51 -0.58
CA SER B 121 -7.71 11.54 -1.14
C SER B 121 -8.61 12.03 -0.02
N GLU B 122 -9.48 12.98 -0.30
CA GLU B 122 -10.37 13.54 0.73
C GLU B 122 -11.20 12.53 1.50
N VAL B 123 -11.46 11.36 0.92
CA VAL B 123 -12.26 10.35 1.61
C VAL B 123 -11.49 9.84 2.83
N ASN B 124 -10.19 10.12 2.84
CA ASN B 124 -9.31 9.73 3.93
C ASN B 124 -9.03 10.86 4.92
N LEU B 125 -9.71 12.00 4.75
CA LEU B 125 -9.54 13.15 5.62
C LEU B 125 -10.49 13.03 6.83
N SER B 126 -10.08 13.55 7.97
CA SER B 126 -10.93 13.49 9.15
C SER B 126 -10.69 14.65 10.09
N VAL B 127 -11.42 14.66 11.20
CA VAL B 127 -11.30 15.70 12.22
C VAL B 127 -11.24 15.08 13.61
C1 AND C . -5.50 -13.28 0.52
C2 AND C . -6.15 -12.22 -0.37
C3 AND C . -5.08 -11.12 -0.60
O3 AND C . -5.56 -10.05 -1.40
C4 AND C . -3.83 -11.68 -1.30
C5 AND C . -3.23 -12.88 -0.55
C6 AND C . -1.94 -12.86 -0.08
C7 AND C . -1.27 -14.08 0.58
C8 AND C . -2.16 -15.36 0.64
C9 AND C . -3.65 -14.98 0.92
C10 AND C . -4.26 -13.99 -0.14
C11 AND C . -4.59 -16.24 1.27
C12 AND C . -3.91 -17.14 2.34
C13 AND C . -2.50 -17.61 1.87
C14 AND C . -1.64 -16.35 1.75
C15 AND C . -0.21 -16.92 1.71
C16 AND C . -0.23 -17.99 2.84
C17 AND C . -1.71 -18.40 2.90
O17 AND C . -2.17 -19.22 3.66
C18 AND C . -2.57 -18.54 0.61
C19 AND C . -4.71 -14.74 -1.44
C1 AND D . 3.30 13.61 4.86
C2 AND D . 4.44 12.64 4.52
C3 AND D . 3.83 11.48 3.73
O3 AND D . 4.80 10.51 3.34
C4 AND D . 3.12 11.97 2.45
C5 AND D . 2.08 13.07 2.69
C6 AND D . 0.74 12.96 2.35
C7 AND D . -0.28 14.11 2.50
C8 AND D . 0.35 15.46 3.04
C9 AND D . 1.44 15.17 4.11
C10 AND D . 2.61 14.25 3.58
C11 AND D . 1.96 16.47 4.90
C12 AND D . 0.76 17.32 5.39
C13 AND D . -0.16 17.71 4.19
C14 AND D . -0.76 16.39 3.63
C15 AND D . -1.96 16.86 2.79
C16 AND D . -2.61 17.96 3.72
C17 AND D . -1.43 18.46 4.58
O17 AND D . -1.49 19.32 5.43
C18 AND D . 0.57 18.63 3.16
C19 AND D . 3.64 15.07 2.71
#